data_8BSM
#
_entry.id   8BSM
#
_cell.length_a   139.928
_cell.length_b   139.928
_cell.length_c   156.093
_cell.angle_alpha   90
_cell.angle_beta   90
_cell.angle_gamma   90
#
_symmetry.space_group_name_H-M   'I 41 2 2'
#
loop_
_entity.id
_entity.type
_entity.pdbx_description
1 polymer 'Glutaminase kidney isoform, mitochondrial 65 kDa chain'
2 non-polymer 'SULFATE ION'
3 non-polymer 2-phenyl-~{N}-[5-[[(3~{R})-1-[5-(2-phenylethanoylamino)-1,3,4-thiadiazol-2-yl]pyrrolidin-3-yl]amino]-1,3,4-thiadiazol-2-yl]ethanamide
4 water water
#
_entity_poly.entity_id   1
_entity_poly.type   'polypeptide(L)'
_entity_poly.pdbx_seq_one_letter_code
;SMIPDFMSFTSHIDELYESAKKQSGGKVADYIPQLAKFSPDLWGVSVCTVDGQRHSTGDTKVPFCLQSCVKPLKYAIAVN
DLGTEYVHRYVGKEPSGLRFNKLFLNEDDKPHNPMVNAGAIVVTSLIKQGVNNAEKFDYVMQFLNKMAGNEYVGFSNATF
QSERESGDRNFAIGYYLKEKKCFPEGTDMVGILDFYFQLCSIEVTCESASVMAATLANGGFCPITGERVLSPEAVRNTLS
LMHSCGMYDFSGQFAFHVGLPAKSGVAGGILLVVPNVMGMMCWSPPLDKMGNSVKGIHFCHDLVSLCNFHNYDNL
;
_entity_poly.pdbx_strand_id   A
#
# COMPACT_ATOMS: atom_id res chain seq x y z
N PRO A 4 -23.82 -4.79 11.08
CA PRO A 4 -25.28 -4.68 11.12
C PRO A 4 -25.90 -4.94 9.73
N ASP A 5 -26.87 -4.12 9.27
CA ASP A 5 -27.52 -4.26 7.97
C ASP A 5 -26.54 -3.91 6.84
N PHE A 6 -25.93 -4.93 6.23
CA PHE A 6 -24.98 -4.74 5.13
C PHE A 6 -25.64 -4.22 3.86
N MET A 7 -26.87 -4.63 3.61
CA MET A 7 -27.61 -4.20 2.42
C MET A 7 -27.77 -2.68 2.37
N SER A 8 -28.09 -2.05 3.50
CA SER A 8 -28.24 -0.59 3.56
C SER A 8 -26.90 0.12 3.47
N PHE A 9 -25.83 -0.51 3.98
CA PHE A 9 -24.48 0.02 3.95
C PHE A 9 -23.98 0.11 2.49
N THR A 10 -24.29 -0.89 1.66
CA THR A 10 -23.88 -0.88 0.25
C THR A 10 -24.52 0.27 -0.51
N SER A 11 -25.78 0.60 -0.18
CA SER A 11 -26.50 1.72 -0.79
C SER A 11 -25.75 3.02 -0.52
N HIS A 12 -25.17 3.17 0.68
CA HIS A 12 -24.39 4.33 1.06
C HIS A 12 -23.04 4.34 0.34
N ILE A 13 -22.38 3.17 0.22
CA ILE A 13 -21.11 3.04 -0.51
C ILE A 13 -21.30 3.49 -1.97
N ASP A 14 -22.45 3.14 -2.57
CA ASP A 14 -22.81 3.50 -3.94
C ASP A 14 -23.05 5.01 -4.05
N GLU A 15 -23.70 5.60 -3.03
CA GLU A 15 -23.97 7.05 -2.99
C GLU A 15 -22.66 7.81 -2.89
N LEU A 16 -21.75 7.35 -2.01
CA LEU A 16 -20.43 7.96 -1.82
C LEU A 16 -19.58 7.82 -3.09
N TYR A 17 -19.71 6.68 -3.80
CA TYR A 17 -19.02 6.42 -5.06
C TYR A 17 -19.49 7.43 -6.11
N GLU A 18 -20.81 7.65 -6.18
CA GLU A 18 -21.44 8.55 -7.13
C GLU A 18 -21.09 10.01 -6.88
N SER A 19 -20.91 10.38 -5.60
CA SER A 19 -20.55 11.74 -5.24
C SER A 19 -19.09 12.01 -5.63
N ALA A 20 -18.20 11.04 -5.35
CA ALA A 20 -16.78 11.14 -5.69
C ALA A 20 -16.54 11.06 -7.20
N LYS A 21 -17.43 10.40 -7.95
CA LYS A 21 -17.34 10.25 -9.40
C LYS A 21 -17.38 11.62 -10.11
N LYS A 22 -18.12 12.58 -9.54
CA LYS A 22 -18.23 13.94 -10.08
C LYS A 22 -16.93 14.76 -9.98
N GLN A 23 -15.93 14.27 -9.20
CA GLN A 23 -14.64 14.95 -9.05
C GLN A 23 -13.71 14.60 -10.21
N SER A 24 -13.68 15.45 -11.22
CA SER A 24 -12.89 15.24 -12.42
C SER A 24 -11.44 15.77 -12.36
N GLY A 25 -11.06 16.41 -11.27
CA GLY A 25 -9.72 16.97 -11.12
C GLY A 25 -8.61 15.95 -10.99
N GLY A 26 -7.38 16.42 -11.14
CA GLY A 26 -6.22 15.55 -11.02
C GLY A 26 -5.48 15.34 -12.32
N LYS A 27 -4.31 14.70 -12.22
CA LYS A 27 -3.48 14.40 -13.37
C LYS A 27 -3.00 12.97 -13.28
N VAL A 28 -3.22 12.18 -14.33
CA VAL A 28 -2.76 10.79 -14.35
C VAL A 28 -1.23 10.81 -14.43
N ALA A 29 -0.53 10.00 -13.61
CA ALA A 29 0.94 9.95 -13.61
C ALA A 29 1.49 9.63 -15.01
N ASP A 30 2.54 10.35 -15.44
CA ASP A 30 3.07 10.15 -16.79
C ASP A 30 4.57 9.97 -16.86
N TYR A 31 5.25 9.69 -15.75
CA TYR A 31 6.71 9.55 -15.77
C TYR A 31 7.15 8.31 -16.57
N ILE A 32 6.27 7.29 -16.69
CA ILE A 32 6.48 6.08 -17.51
C ILE A 32 5.21 5.85 -18.36
N PRO A 33 5.32 5.34 -19.60
CA PRO A 33 4.13 5.16 -20.43
C PRO A 33 3.10 4.19 -19.83
N GLN A 34 3.55 3.23 -19.03
CA GLN A 34 2.70 2.24 -18.38
C GLN A 34 1.68 2.83 -17.39
N LEU A 35 1.87 4.09 -16.97
CA LEU A 35 0.95 4.78 -16.09
C LEU A 35 0.14 5.80 -16.90
N ALA A 36 0.79 6.51 -17.84
CA ALA A 36 0.16 7.52 -18.70
C ALA A 36 -0.98 6.95 -19.55
N LYS A 37 -0.88 5.64 -19.90
CA LYS A 37 -1.84 4.84 -20.66
C LYS A 37 -3.24 4.97 -20.04
N PHE A 38 -3.35 4.91 -18.71
CA PHE A 38 -4.60 4.82 -18.00
C PHE A 38 -5.56 5.99 -18.19
N SER A 39 -6.85 5.63 -18.23
CA SER A 39 -7.93 6.57 -18.39
C SER A 39 -8.22 7.31 -17.10
N PRO A 40 -8.42 8.62 -17.18
CA PRO A 40 -8.79 9.38 -15.98
C PRO A 40 -10.17 9.02 -15.45
N ASP A 41 -11.06 8.51 -16.31
CA ASP A 41 -12.43 8.16 -15.90
C ASP A 41 -12.53 6.85 -15.11
N LEU A 42 -11.45 6.04 -15.05
CA LEU A 42 -11.49 4.79 -14.30
C LEU A 42 -11.68 5.08 -12.81
N TRP A 43 -12.66 4.44 -12.19
CA TRP A 43 -12.98 4.67 -10.78
C TRP A 43 -13.69 3.43 -10.22
N GLY A 44 -13.09 2.80 -9.22
CA GLY A 44 -13.67 1.60 -8.62
C GLY A 44 -13.47 1.52 -7.12
N VAL A 45 -14.51 1.09 -6.39
CA VAL A 45 -14.47 0.95 -4.93
C VAL A 45 -14.86 -0.47 -4.52
N SER A 46 -14.00 -1.18 -3.76
CA SER A 46 -14.34 -2.52 -3.30
C SER A 46 -14.25 -2.63 -1.80
N VAL A 47 -15.25 -3.26 -1.20
CA VAL A 47 -15.38 -3.48 0.23
C VAL A 47 -15.32 -4.97 0.54
N CYS A 48 -14.68 -5.33 1.66
CA CYS A 48 -14.61 -6.70 2.14
C CYS A 48 -14.62 -6.63 3.66
N THR A 49 -15.72 -7.01 4.30
CA THR A 49 -15.82 -6.91 5.76
C THR A 49 -15.03 -8.02 6.47
N VAL A 50 -14.83 -7.87 7.79
CA VAL A 50 -14.16 -8.85 8.65
C VAL A 50 -14.89 -10.22 8.62
N ASP A 51 -16.23 -10.19 8.45
CA ASP A 51 -17.05 -11.40 8.34
C ASP A 51 -16.97 -12.06 6.95
N GLY A 52 -16.53 -11.32 5.94
CA GLY A 52 -16.39 -11.85 4.58
C GLY A 52 -17.39 -11.30 3.58
N GLN A 53 -18.25 -10.35 3.99
CA GLN A 53 -19.25 -9.78 3.09
C GLN A 53 -18.60 -8.84 2.07
N ARG A 54 -18.85 -9.09 0.78
CA ARG A 54 -18.25 -8.30 -0.28
C ARG A 54 -19.23 -7.38 -0.98
N HIS A 55 -18.72 -6.28 -1.54
CA HIS A 55 -19.49 -5.34 -2.35
C HIS A 55 -18.55 -4.54 -3.24
N SER A 56 -18.88 -4.39 -4.53
CA SER A 56 -18.04 -3.64 -5.45
C SER A 56 -18.87 -2.68 -6.28
N THR A 57 -18.27 -1.54 -6.67
CA THR A 57 -18.94 -0.56 -7.51
C THR A 57 -17.92 0.07 -8.43
N GLY A 58 -18.19 0.06 -9.72
CA GLY A 58 -17.29 0.64 -10.69
C GLY A 58 -16.30 -0.33 -11.27
N ASP A 59 -15.14 0.20 -11.74
CA ASP A 59 -14.08 -0.56 -12.39
C ASP A 59 -13.22 -1.34 -11.40
N THR A 60 -13.83 -2.34 -10.76
CA THR A 60 -13.20 -3.14 -9.72
C THR A 60 -12.52 -4.43 -10.21
N LYS A 61 -12.57 -4.70 -11.52
CA LYS A 61 -11.90 -5.88 -12.08
C LYS A 61 -10.78 -5.53 -13.09
N VAL A 62 -10.45 -4.23 -13.25
CA VAL A 62 -9.40 -3.76 -14.14
C VAL A 62 -8.09 -3.79 -13.36
N PRO A 63 -7.10 -4.57 -13.78
CA PRO A 63 -5.85 -4.65 -13.02
C PRO A 63 -4.99 -3.40 -13.10
N PHE A 64 -4.35 -3.06 -12.00
CA PHE A 64 -3.45 -1.91 -11.90
C PHE A 64 -2.31 -2.25 -10.93
N CYS A 65 -1.15 -1.58 -11.05
CA CYS A 65 -0.02 -1.84 -10.16
C CYS A 65 -0.21 -1.34 -8.75
N LEU A 66 0.26 -2.10 -7.77
CA LEU A 66 0.18 -1.71 -6.37
C LEU A 66 1.02 -0.46 -6.13
N GLN A 67 2.23 -0.43 -6.69
CA GLN A 67 3.19 0.67 -6.54
C GLN A 67 3.51 0.89 -5.04
N SER A 68 3.24 2.06 -4.44
CA SER A 68 3.53 2.26 -3.03
C SER A 68 2.53 1.53 -2.11
N CYS A 69 1.39 1.05 -2.65
CA CYS A 69 0.44 0.30 -1.83
C CYS A 69 1.05 -1.04 -1.32
N VAL A 70 2.16 -1.51 -1.94
CA VAL A 70 2.87 -2.72 -1.52
C VAL A 70 3.77 -2.45 -0.31
N LYS A 71 4.22 -1.19 -0.09
CA LYS A 71 5.10 -0.81 1.02
C LYS A 71 4.62 -1.34 2.38
N PRO A 72 3.36 -1.11 2.82
CA PRO A 72 2.93 -1.69 4.11
C PRO A 72 2.88 -3.22 4.10
N LEU A 73 2.59 -3.83 2.93
CA LEU A 73 2.50 -5.28 2.79
C LEU A 73 3.87 -5.95 2.95
N LYS A 74 4.91 -5.46 2.25
CA LYS A 74 6.25 -6.02 2.39
C LYS A 74 6.86 -5.74 3.78
N TYR A 75 6.42 -4.64 4.43
CA TYR A 75 6.84 -4.32 5.79
C TYR A 75 6.19 -5.33 6.75
N ALA A 76 4.91 -5.67 6.53
CA ALA A 76 4.23 -6.64 7.39
C ALA A 76 4.88 -8.01 7.29
N ILE A 77 5.38 -8.39 6.12
CA ILE A 77 6.06 -9.67 5.94
C ILE A 77 7.39 -9.66 6.71
N ALA A 78 8.12 -8.54 6.68
CA ALA A 78 9.38 -8.42 7.38
C ALA A 78 9.21 -8.54 8.89
N VAL A 79 8.17 -7.91 9.47
CA VAL A 79 7.92 -8.00 10.90
C VAL A 79 7.39 -9.38 11.28
N ASN A 80 6.59 -10.00 10.40
CA ASN A 80 6.06 -11.33 10.64
C ASN A 80 7.20 -12.36 10.74
N ASP A 81 8.24 -12.21 9.91
CA ASP A 81 9.38 -13.14 9.88
C ASP A 81 10.54 -12.78 10.80
N LEU A 82 10.80 -11.49 11.03
CA LEU A 82 11.97 -11.06 11.78
C LEU A 82 11.69 -10.32 13.11
N GLY A 83 10.48 -9.85 13.31
CA GLY A 83 10.11 -9.15 14.53
C GLY A 83 10.40 -7.65 14.50
N THR A 84 9.71 -6.88 15.35
CA THR A 84 9.86 -5.42 15.44
C THR A 84 11.31 -4.98 15.67
N GLU A 85 12.01 -5.62 16.62
CA GLU A 85 13.38 -5.25 16.98
C GLU A 85 14.38 -5.33 15.81
N TYR A 86 14.44 -6.47 15.11
CA TYR A 86 15.37 -6.60 13.99
C TYR A 86 15.10 -5.60 12.88
N VAL A 87 13.84 -5.48 12.44
CA VAL A 87 13.46 -4.58 11.36
C VAL A 87 13.81 -3.14 11.67
N HIS A 88 13.44 -2.66 12.87
CA HIS A 88 13.65 -1.27 13.20
C HIS A 88 15.09 -0.92 13.60
N ARG A 89 16.02 -1.89 13.53
CA ARG A 89 17.46 -1.58 13.62
C ARG A 89 17.89 -0.87 12.30
N TYR A 90 17.15 -1.10 11.19
CA TYR A 90 17.43 -0.61 9.86
C TYR A 90 16.50 0.50 9.40
N VAL A 91 15.29 0.62 9.97
CA VAL A 91 14.34 1.65 9.53
C VAL A 91 13.58 2.29 10.70
N GLY A 92 13.26 3.57 10.59
CA GLY A 92 12.56 4.31 11.64
C GLY A 92 11.09 4.00 11.80
N LYS A 93 10.42 4.72 12.73
CA LYS A 93 9.01 4.50 12.99
C LYS A 93 8.19 5.77 13.12
N GLU A 94 8.52 6.80 12.33
CA GLU A 94 7.79 8.08 12.40
C GLU A 94 7.94 8.91 11.13
N PRO A 95 7.04 9.88 10.86
CA PRO A 95 7.19 10.70 9.65
C PRO A 95 8.33 11.73 9.71
N SER A 96 8.59 12.39 8.59
CA SER A 96 9.61 13.43 8.48
C SER A 96 8.96 14.80 8.21
N GLY A 97 9.74 15.87 8.31
CA GLY A 97 9.25 17.23 8.10
C GLY A 97 8.73 17.53 6.70
N LYS A 102 13.42 16.13 -0.57
CA LYS A 102 13.66 15.84 0.85
C LYS A 102 14.86 14.91 1.05
N LEU A 103 15.47 14.98 2.26
CA LEU A 103 16.62 14.16 2.69
C LEU A 103 16.29 12.66 2.64
N PHE A 104 17.32 11.81 2.62
CA PHE A 104 17.09 10.36 2.56
C PHE A 104 17.14 9.70 3.93
N LEU A 105 17.96 10.21 4.84
CA LEU A 105 18.12 9.60 6.15
C LEU A 105 17.78 10.52 7.30
N ASN A 106 17.46 9.93 8.46
CA ASN A 106 17.19 10.69 9.68
C ASN A 106 18.51 10.95 10.46
N GLU A 107 18.45 11.52 11.67
CA GLU A 107 19.65 11.80 12.45
C GLU A 107 20.46 10.57 12.87
N ASP A 108 19.86 9.38 12.79
CA ASP A 108 20.57 8.14 13.12
C ASP A 108 21.08 7.39 11.88
N ASP A 109 21.09 8.04 10.69
CA ASP A 109 21.49 7.46 9.41
C ASP A 109 20.62 6.26 9.03
N LYS A 110 19.33 6.35 9.34
CA LYS A 110 18.32 5.35 9.06
C LYS A 110 17.19 6.02 8.29
N PRO A 111 16.57 5.35 7.30
CA PRO A 111 15.41 5.97 6.62
C PRO A 111 14.29 6.24 7.62
N HIS A 112 13.64 7.40 7.47
CA HIS A 112 12.59 7.89 8.37
C HIS A 112 11.54 6.85 8.75
N ASN A 113 10.97 6.14 7.77
CA ASN A 113 9.93 5.14 8.04
C ASN A 113 9.81 4.17 6.84
N PRO A 114 9.12 3.01 6.98
CA PRO A 114 9.02 2.08 5.83
C PRO A 114 8.12 2.53 4.68
N MET A 115 7.37 3.63 4.85
CA MET A 115 6.48 4.10 3.79
C MET A 115 7.15 5.10 2.82
N VAL A 116 8.44 5.40 2.99
CA VAL A 116 9.17 6.24 2.05
C VAL A 116 10.08 5.33 1.22
N ASN A 117 10.46 5.76 0.00
CA ASN A 117 11.27 4.92 -0.89
C ASN A 117 12.52 4.33 -0.23
N ALA A 118 13.30 5.16 0.46
CA ALA A 118 14.50 4.68 1.13
C ALA A 118 14.17 3.61 2.20
N GLY A 119 13.06 3.77 2.89
CA GLY A 119 12.62 2.81 3.91
C GLY A 119 12.17 1.51 3.31
N ALA A 120 11.47 1.58 2.17
CA ALA A 120 10.98 0.39 1.48
C ALA A 120 12.13 -0.39 0.82
N ILE A 121 13.17 0.31 0.35
CA ILE A 121 14.32 -0.33 -0.25
C ILE A 121 15.08 -1.12 0.83
N VAL A 122 15.21 -0.54 2.03
CA VAL A 122 15.86 -1.23 3.14
C VAL A 122 15.00 -2.41 3.63
N VAL A 123 13.66 -2.25 3.70
CA VAL A 123 12.76 -3.35 4.10
C VAL A 123 12.89 -4.50 3.10
N THR A 124 12.96 -4.17 1.80
CA THR A 124 13.14 -5.14 0.71
C THR A 124 14.42 -5.96 0.93
N SER A 125 15.48 -5.33 1.47
CA SER A 125 16.75 -6.01 1.74
C SER A 125 16.71 -6.95 2.95
N LEU A 126 15.64 -6.91 3.76
CA LEU A 126 15.53 -7.77 4.93
C LEU A 126 14.76 -9.06 4.64
N ILE A 127 13.83 -9.01 3.68
CA ILE A 127 12.99 -10.17 3.32
C ILE A 127 13.79 -11.30 2.67
N LYS A 128 13.61 -12.54 3.20
CA LYS A 128 14.21 -13.81 2.77
C LYS A 128 15.68 -13.69 2.33
N GLN A 129 16.56 -13.22 3.22
CA GLN A 129 17.97 -13.05 2.90
C GLN A 129 18.64 -14.38 2.60
N GLY A 130 19.57 -14.38 1.65
CA GLY A 130 20.30 -15.59 1.30
C GLY A 130 19.95 -16.15 -0.07
N VAL A 131 18.66 -16.39 -0.32
CA VAL A 131 18.19 -16.93 -1.59
C VAL A 131 18.26 -15.89 -2.73
N ASN A 132 18.11 -16.33 -3.99
CA ASN A 132 18.13 -15.42 -5.14
C ASN A 132 16.80 -14.66 -5.29
N ASN A 133 16.77 -13.64 -6.17
CA ASN A 133 15.58 -12.81 -6.40
C ASN A 133 14.35 -13.58 -6.88
N ALA A 134 14.54 -14.68 -7.62
CA ALA A 134 13.40 -15.46 -8.11
C ALA A 134 12.68 -16.14 -6.96
N GLU A 135 13.42 -16.69 -5.98
CA GLU A 135 12.84 -17.32 -4.80
C GLU A 135 12.20 -16.28 -3.89
N LYS A 136 12.86 -15.12 -3.74
CA LYS A 136 12.40 -13.99 -2.93
C LYS A 136 11.06 -13.49 -3.44
N PHE A 137 10.92 -13.31 -4.77
CA PHE A 137 9.70 -12.84 -5.40
C PHE A 137 8.57 -13.84 -5.19
N ASP A 138 8.85 -15.15 -5.36
CA ASP A 138 7.85 -16.19 -5.16
C ASP A 138 7.36 -16.20 -3.71
N TYR A 139 8.28 -15.99 -2.76
CA TYR A 139 7.93 -15.95 -1.35
C TYR A 139 6.94 -14.81 -1.06
N VAL A 140 7.20 -13.60 -1.60
CA VAL A 140 6.32 -12.46 -1.39
C VAL A 140 4.99 -12.67 -2.09
N MET A 141 5.00 -13.20 -3.32
CA MET A 141 3.78 -13.48 -4.09
C MET A 141 2.88 -14.46 -3.36
N GLN A 142 3.48 -15.48 -2.73
CA GLN A 142 2.74 -16.49 -1.97
C GLN A 142 2.03 -15.84 -0.76
N PHE A 143 2.73 -14.90 -0.10
CA PHE A 143 2.21 -14.18 1.05
C PHE A 143 1.04 -13.30 0.62
N LEU A 144 1.20 -12.59 -0.51
CA LEU A 144 0.17 -11.71 -1.06
C LEU A 144 -1.06 -12.50 -1.51
N ASN A 145 -0.85 -13.73 -2.03
CA ASN A 145 -1.93 -14.61 -2.43
C ASN A 145 -2.76 -15.00 -1.20
N LYS A 146 -2.08 -15.36 -0.08
CA LYS A 146 -2.76 -15.71 1.16
C LYS A 146 -3.53 -14.52 1.73
N MET A 147 -2.96 -13.31 1.61
CA MET A 147 -3.59 -12.08 2.08
C MET A 147 -4.84 -11.75 1.27
N ALA A 148 -4.81 -12.03 -0.06
CA ALA A 148 -5.95 -11.78 -0.94
C ALA A 148 -6.97 -12.94 -1.03
N GLY A 149 -6.70 -14.03 -0.31
CA GLY A 149 -7.56 -15.21 -0.31
C GLY A 149 -7.58 -15.89 -1.66
N ASN A 150 -6.39 -15.99 -2.27
CA ASN A 150 -6.15 -16.59 -3.58
C ASN A 150 -6.82 -15.84 -4.73
N GLU A 151 -7.12 -14.55 -4.54
CA GLU A 151 -7.72 -13.73 -5.60
C GLU A 151 -6.62 -13.08 -6.47
N TYR A 152 -7.00 -12.28 -7.50
CA TYR A 152 -6.05 -11.70 -8.45
C TYR A 152 -4.82 -11.01 -7.88
N VAL A 153 -3.64 -11.57 -8.18
CA VAL A 153 -2.31 -11.02 -7.87
C VAL A 153 -1.45 -11.33 -9.10
N GLY A 154 -1.19 -10.33 -9.93
CA GLY A 154 -0.40 -10.51 -11.15
C GLY A 154 0.89 -9.72 -11.19
N PHE A 155 1.42 -9.48 -12.40
CA PHE A 155 2.68 -8.76 -12.54
C PHE A 155 2.77 -8.02 -13.88
N SER A 156 3.27 -6.79 -13.84
CA SER A 156 3.43 -5.99 -15.05
C SER A 156 4.90 -5.92 -15.43
N ASN A 157 5.32 -6.75 -16.39
CA ASN A 157 6.72 -6.73 -16.84
C ASN A 157 7.08 -5.40 -17.50
N ALA A 158 6.11 -4.77 -18.18
CA ALA A 158 6.32 -3.48 -18.83
C ALA A 158 6.59 -2.42 -17.78
N THR A 159 5.85 -2.43 -16.66
CA THR A 159 6.06 -1.46 -15.59
C THR A 159 7.43 -1.67 -14.97
N PHE A 160 7.77 -2.94 -14.66
CA PHE A 160 9.08 -3.31 -14.10
C PHE A 160 10.23 -2.80 -14.96
N GLN A 161 10.21 -3.09 -16.26
CA GLN A 161 11.27 -2.64 -17.15
C GLN A 161 11.38 -1.12 -17.21
N SER A 162 10.24 -0.43 -17.22
CA SER A 162 10.20 1.03 -17.27
C SER A 162 10.69 1.70 -16.00
N GLU A 163 10.29 1.16 -14.82
CA GLU A 163 10.70 1.68 -13.51
C GLU A 163 12.20 1.51 -13.33
N ARG A 164 12.75 0.37 -13.77
CA ARG A 164 14.16 0.08 -13.66
C ARG A 164 14.98 0.98 -14.57
N GLU A 165 14.53 1.19 -15.82
CA GLU A 165 15.24 2.04 -16.78
C GLU A 165 15.22 3.53 -16.44
N SER A 166 14.12 4.00 -15.84
CA SER A 166 14.01 5.44 -15.51
C SER A 166 14.18 5.78 -14.04
N GLY A 167 14.41 4.79 -13.19
CA GLY A 167 14.54 5.03 -11.75
C GLY A 167 15.86 5.58 -11.27
N ASP A 168 16.33 6.69 -11.86
CA ASP A 168 17.59 7.32 -11.46
C ASP A 168 17.55 7.78 -10.00
N ARG A 169 16.40 8.27 -9.51
CA ARG A 169 16.30 8.72 -8.12
C ARG A 169 16.44 7.54 -7.16
N ASN A 170 15.91 6.37 -7.54
CA ASN A 170 16.01 5.17 -6.72
C ASN A 170 17.43 4.60 -6.70
N PHE A 171 18.17 4.76 -7.80
CA PHE A 171 19.57 4.34 -7.84
C PHE A 171 20.42 5.27 -6.98
N ALA A 172 20.10 6.58 -6.97
CA ALA A 172 20.79 7.54 -6.11
C ALA A 172 20.53 7.19 -4.65
N ILE A 173 19.29 6.79 -4.30
CA ILE A 173 18.94 6.36 -2.94
C ILE A 173 19.72 5.09 -2.60
N GLY A 174 19.75 4.14 -3.53
CA GLY A 174 20.48 2.89 -3.37
C GLY A 174 21.94 3.05 -3.03
N TYR A 175 22.69 3.81 -3.84
CA TYR A 175 24.10 4.06 -3.56
C TYR A 175 24.30 4.88 -2.28
N TYR A 176 23.36 5.79 -1.94
CA TYR A 176 23.42 6.58 -0.71
C TYR A 176 23.30 5.68 0.53
N LEU A 177 22.34 4.74 0.53
CA LEU A 177 22.15 3.80 1.63
C LEU A 177 23.37 2.86 1.74
N LYS A 178 23.97 2.49 0.61
CA LYS A 178 25.15 1.63 0.58
C LYS A 178 26.34 2.35 1.22
N GLU A 179 26.51 3.65 0.92
CA GLU A 179 27.58 4.49 1.46
C GLU A 179 27.44 4.65 2.98
N LYS A 180 26.22 4.89 3.44
CA LYS A 180 25.94 5.08 4.86
C LYS A 180 25.73 3.77 5.63
N LYS A 181 26.05 2.60 5.02
CA LYS A 181 25.96 1.27 5.61
C LYS A 181 24.56 0.99 6.20
N CYS A 182 23.52 1.16 5.39
CA CYS A 182 22.14 0.98 5.80
C CYS A 182 21.60 -0.44 5.60
N PHE A 183 22.23 -1.23 4.74
CA PHE A 183 21.78 -2.59 4.44
C PHE A 183 22.50 -3.62 5.30
N PRO A 184 21.91 -4.82 5.53
CA PRO A 184 22.65 -5.85 6.27
C PRO A 184 23.89 -6.30 5.50
N GLU A 185 24.97 -6.67 6.22
CA GLU A 185 26.24 -7.09 5.61
C GLU A 185 26.07 -8.15 4.51
N GLY A 186 26.69 -7.90 3.36
CA GLY A 186 26.63 -8.80 2.21
C GLY A 186 25.37 -8.66 1.39
N THR A 187 25.00 -7.42 1.08
CA THR A 187 23.80 -7.16 0.30
C THR A 187 24.18 -6.70 -1.11
N ASP A 188 23.55 -7.31 -2.13
CA ASP A 188 23.76 -6.88 -3.50
C ASP A 188 22.73 -5.76 -3.69
N MET A 189 23.19 -4.51 -3.51
CA MET A 189 22.36 -3.30 -3.63
C MET A 189 21.56 -3.23 -4.93
N VAL A 190 22.20 -3.52 -6.07
CA VAL A 190 21.54 -3.48 -7.37
C VAL A 190 20.48 -4.58 -7.50
N GLY A 191 20.77 -5.76 -6.94
CA GLY A 191 19.83 -6.87 -6.92
C GLY A 191 18.62 -6.55 -6.06
N ILE A 192 18.84 -5.82 -4.96
CA ILE A 192 17.78 -5.35 -4.06
C ILE A 192 16.92 -4.31 -4.76
N LEU A 193 17.53 -3.44 -5.58
CA LEU A 193 16.76 -2.46 -6.35
C LEU A 193 15.90 -3.18 -7.37
N ASP A 194 16.42 -4.21 -8.04
CA ASP A 194 15.66 -5.00 -9.00
C ASP A 194 14.43 -5.63 -8.33
N PHE A 195 14.61 -6.19 -7.14
CA PHE A 195 13.53 -6.80 -6.36
C PHE A 195 12.51 -5.73 -5.96
N TYR A 196 12.98 -4.54 -5.57
CA TYR A 196 12.14 -3.40 -5.21
C TYR A 196 11.24 -3.00 -6.40
N PHE A 197 11.83 -2.88 -7.61
CA PHE A 197 11.09 -2.51 -8.82
C PHE A 197 10.05 -3.59 -9.19
N GLN A 198 10.37 -4.87 -8.92
CA GLN A 198 9.50 -6.00 -9.18
C GLN A 198 8.28 -5.96 -8.27
N LEU A 199 8.48 -5.64 -6.98
CA LEU A 199 7.39 -5.57 -6.02
C LEU A 199 6.40 -4.45 -6.32
N CYS A 200 6.91 -3.31 -6.80
CA CYS A 200 6.09 -2.16 -7.19
C CYS A 200 5.21 -2.47 -8.41
N SER A 201 5.70 -3.36 -9.30
CA SER A 201 5.03 -3.76 -10.52
C SER A 201 4.01 -4.88 -10.35
N ILE A 202 3.75 -5.34 -9.11
CA ILE A 202 2.74 -6.37 -8.89
C ILE A 202 1.36 -5.76 -9.11
N GLU A 203 0.51 -6.43 -9.88
CA GLU A 203 -0.84 -5.97 -10.21
C GLU A 203 -1.90 -6.59 -9.33
N VAL A 204 -2.94 -5.81 -9.04
CA VAL A 204 -4.11 -6.22 -8.26
C VAL A 204 -5.36 -5.56 -8.90
N THR A 205 -6.55 -5.97 -8.47
CA THR A 205 -7.81 -5.33 -8.85
C THR A 205 -8.38 -4.80 -7.52
N CYS A 206 -9.39 -3.90 -7.56
CA CYS A 206 -10.00 -3.37 -6.33
C CYS A 206 -10.50 -4.51 -5.42
N GLU A 207 -11.09 -5.54 -6.05
CA GLU A 207 -11.63 -6.72 -5.38
C GLU A 207 -10.59 -7.52 -4.61
N SER A 208 -9.49 -7.94 -5.25
CA SER A 208 -8.46 -8.70 -4.56
C SER A 208 -7.74 -7.89 -3.48
N ALA A 209 -7.45 -6.61 -3.75
CA ALA A 209 -6.78 -5.74 -2.80
C ALA A 209 -7.64 -5.41 -1.59
N SER A 210 -8.98 -5.40 -1.75
CA SER A 210 -9.88 -5.17 -0.61
C SER A 210 -9.78 -6.32 0.39
N VAL A 211 -9.48 -7.55 -0.08
CA VAL A 211 -9.29 -8.71 0.80
C VAL A 211 -7.97 -8.57 1.57
N MET A 212 -6.92 -8.01 0.93
CA MET A 212 -5.64 -7.77 1.58
C MET A 212 -5.81 -6.78 2.73
N ALA A 213 -6.55 -5.69 2.49
CA ALA A 213 -6.81 -4.70 3.54
C ALA A 213 -7.70 -5.27 4.66
N ALA A 214 -8.60 -6.22 4.30
CA ALA A 214 -9.48 -6.88 5.26
C ALA A 214 -8.68 -7.82 6.17
N THR A 215 -7.59 -8.42 5.67
CA THR A 215 -6.72 -9.26 6.48
C THR A 215 -6.07 -8.41 7.59
N LEU A 216 -5.63 -7.18 7.24
CA LEU A 216 -5.06 -6.24 8.20
C LEU A 216 -6.13 -5.73 9.18
N ALA A 217 -7.36 -5.55 8.70
CA ALA A 217 -8.47 -5.13 9.56
C ALA A 217 -8.98 -6.24 10.48
N ASN A 218 -8.64 -7.52 10.18
CA ASN A 218 -9.07 -8.67 10.95
C ASN A 218 -7.89 -9.31 11.70
N GLY A 219 -6.98 -8.47 12.19
CA GLY A 219 -5.81 -8.89 12.98
C GLY A 219 -4.90 -9.93 12.38
N GLY A 220 -4.77 -9.93 11.06
CA GLY A 220 -3.91 -10.88 10.35
C GLY A 220 -4.63 -12.09 9.79
N PHE A 221 -5.94 -12.22 10.06
CA PHE A 221 -6.70 -13.36 9.54
C PHE A 221 -7.42 -12.97 8.26
N CYS A 222 -7.33 -13.80 7.23
CA CYS A 222 -8.00 -13.51 5.96
C CYS A 222 -9.49 -13.79 6.10
N PRO A 223 -10.38 -12.81 5.86
CA PRO A 223 -11.82 -13.04 6.07
C PRO A 223 -12.51 -14.03 5.15
N ILE A 224 -11.89 -14.42 4.02
CA ILE A 224 -12.51 -15.37 3.11
C ILE A 224 -11.96 -16.80 3.29
N THR A 225 -10.78 -16.95 3.92
CA THR A 225 -10.21 -18.28 4.15
C THR A 225 -10.15 -18.66 5.63
N GLY A 226 -10.22 -17.68 6.53
CA GLY A 226 -10.11 -17.90 7.96
C GLY A 226 -8.68 -18.17 8.43
N GLU A 227 -7.73 -18.23 7.49
CA GLU A 227 -6.32 -18.53 7.70
C GLU A 227 -5.53 -17.36 8.29
N ARG A 228 -4.57 -17.66 9.19
CA ARG A 228 -3.72 -16.63 9.77
C ARG A 228 -2.56 -16.35 8.80
N VAL A 229 -2.50 -15.13 8.27
CA VAL A 229 -1.45 -14.75 7.32
C VAL A 229 -0.35 -13.99 8.03
N LEU A 230 -0.72 -13.00 8.84
CA LEU A 230 0.27 -12.17 9.55
C LEU A 230 0.09 -12.22 11.06
N SER A 231 1.20 -12.06 11.79
CA SER A 231 1.19 -12.04 13.25
C SER A 231 0.56 -10.75 13.78
N PRO A 232 -0.01 -10.76 15.00
CA PRO A 232 -0.62 -9.51 15.53
C PRO A 232 0.36 -8.36 15.65
N GLU A 233 1.63 -8.67 15.95
CA GLU A 233 2.70 -7.69 16.06
C GLU A 233 2.91 -7.01 14.71
N ALA A 234 2.93 -7.79 13.60
CA ALA A 234 3.09 -7.26 12.25
C ALA A 234 1.96 -6.33 11.83
N VAL A 235 0.72 -6.72 12.14
CA VAL A 235 -0.47 -5.95 11.77
C VAL A 235 -0.53 -4.61 12.53
N ARG A 236 -0.33 -4.64 13.85
CA ARG A 236 -0.34 -3.46 14.69
C ARG A 236 0.70 -2.42 14.25
N ASN A 237 1.91 -2.89 13.89
CA ASN A 237 2.99 -2.02 13.44
C ASN A 237 2.64 -1.39 12.10
N THR A 238 2.11 -2.21 11.18
CA THR A 238 1.75 -1.78 9.83
C THR A 238 0.65 -0.74 9.89
N LEU A 239 -0.37 -0.98 10.72
CA LEU A 239 -1.48 -0.05 10.86
C LEU A 239 -1.04 1.26 11.47
N SER A 240 -0.14 1.23 12.47
CA SER A 240 0.39 2.44 13.11
C SER A 240 1.09 3.32 12.07
N LEU A 241 1.97 2.73 11.26
CA LEU A 241 2.72 3.46 10.25
C LEU A 241 1.87 3.87 9.04
N MET A 242 0.77 3.16 8.78
CA MET A 242 -0.15 3.56 7.71
C MET A 242 -0.95 4.80 8.15
N HIS A 243 -1.24 4.92 9.46
CA HIS A 243 -1.98 6.02 10.04
C HIS A 243 -1.18 7.33 9.99
N SER A 244 0.15 7.25 10.14
CA SER A 244 0.99 8.44 10.16
C SER A 244 1.86 8.69 8.92
N CYS A 245 2.13 7.67 8.09
CA CYS A 245 3.05 7.85 6.95
C CYS A 245 2.49 7.37 5.61
N GLY A 246 1.25 6.93 5.55
CA GLY A 246 0.69 6.34 4.34
C GLY A 246 0.26 7.19 3.16
N MET A 247 -0.02 8.49 3.38
CA MET A 247 -0.53 9.34 2.29
C MET A 247 0.44 10.43 1.81
N TYR A 248 1.75 10.11 1.71
CA TYR A 248 2.77 11.07 1.26
C TYR A 248 2.74 12.35 2.15
N ASP A 249 2.82 13.58 1.58
CA ASP A 249 2.77 14.81 2.37
C ASP A 249 1.40 15.10 2.98
N PHE A 250 0.35 14.38 2.54
CA PHE A 250 -0.97 14.54 3.10
C PHE A 250 -1.21 13.64 4.34
N SER A 251 -0.18 12.88 4.80
CA SER A 251 -0.31 11.96 5.94
C SER A 251 -0.80 12.61 7.22
N GLY A 252 -0.29 13.80 7.53
CA GLY A 252 -0.68 14.53 8.72
C GLY A 252 -2.13 14.97 8.67
N GLN A 253 -2.55 15.50 7.51
CA GLN A 253 -3.93 15.94 7.31
C GLN A 253 -4.91 14.79 7.23
N PHE A 254 -4.48 13.65 6.69
CA PHE A 254 -5.31 12.46 6.60
C PHE A 254 -5.49 11.86 8.02
N ALA A 255 -4.44 11.90 8.86
CA ALA A 255 -4.53 11.42 10.23
C ALA A 255 -5.51 12.27 11.04
N PHE A 256 -5.53 13.58 10.78
CA PHE A 256 -6.41 14.50 11.48
C PHE A 256 -7.88 14.41 11.04
N HIS A 257 -8.14 14.45 9.72
CA HIS A 257 -9.50 14.48 9.18
C HIS A 257 -10.13 13.12 8.95
N VAL A 258 -9.32 12.10 8.65
CA VAL A 258 -9.86 10.77 8.36
C VAL A 258 -9.55 9.80 9.51
N GLY A 259 -8.31 9.81 9.98
CA GLY A 259 -7.86 8.99 11.09
C GLY A 259 -7.99 7.49 10.90
N LEU A 260 -7.65 6.99 9.71
CA LEU A 260 -7.72 5.56 9.42
C LEU A 260 -6.40 5.11 8.81
N PRO A 261 -5.94 3.87 9.08
CA PRO A 261 -4.72 3.40 8.41
C PRO A 261 -4.96 3.27 6.90
N ALA A 262 -4.23 4.04 6.09
CA ALA A 262 -4.37 3.96 4.63
C ALA A 262 -3.02 4.13 3.92
N LYS A 263 -2.91 3.68 2.66
CA LYS A 263 -1.68 3.81 1.89
C LYS A 263 -2.02 4.07 0.45
N SER A 264 -1.46 5.14 -0.14
CA SER A 264 -1.71 5.46 -1.53
C SER A 264 -0.56 5.05 -2.48
N GLY A 265 -0.85 4.98 -3.76
CA GLY A 265 0.13 4.64 -4.79
C GLY A 265 0.00 5.54 -6.01
N VAL A 266 1.05 5.60 -6.82
CA VAL A 266 1.09 6.44 -8.02
C VAL A 266 0.11 5.96 -9.13
N ALA A 267 -0.34 4.69 -9.06
CA ALA A 267 -1.32 4.18 -10.01
C ALA A 267 -2.75 4.67 -9.72
N GLY A 268 -2.95 5.36 -8.60
CA GLY A 268 -4.26 5.89 -8.19
C GLY A 268 -4.97 5.06 -7.15
N GLY A 269 -4.28 4.08 -6.57
CA GLY A 269 -4.87 3.23 -5.55
C GLY A 269 -4.71 3.77 -4.14
N ILE A 270 -5.71 3.53 -3.28
CA ILE A 270 -5.69 3.90 -1.87
C ILE A 270 -6.19 2.68 -1.10
N LEU A 271 -5.26 1.94 -0.50
CA LEU A 271 -5.57 0.76 0.30
C LEU A 271 -6.04 1.28 1.67
N LEU A 272 -7.33 1.14 2.01
CA LEU A 272 -7.86 1.67 3.27
C LEU A 272 -8.26 0.57 4.26
N VAL A 273 -7.95 0.74 5.54
CA VAL A 273 -8.29 -0.24 6.57
C VAL A 273 -9.20 0.35 7.67
N VAL A 274 -10.28 -0.35 8.02
CA VAL A 274 -11.16 0.10 9.10
C VAL A 274 -11.09 -0.99 10.17
N PRO A 275 -10.25 -0.75 11.22
CA PRO A 275 -10.00 -1.78 12.26
C PRO A 275 -11.22 -2.49 12.81
N ASN A 276 -11.17 -3.85 12.72
CA ASN A 276 -12.22 -4.79 13.16
C ASN A 276 -13.58 -4.52 12.51
N VAL A 277 -13.56 -3.94 11.31
CA VAL A 277 -14.77 -3.60 10.58
C VAL A 277 -14.67 -4.10 9.12
N MET A 278 -13.70 -3.57 8.32
CA MET A 278 -13.58 -3.96 6.92
C MET A 278 -12.26 -3.51 6.26
N GLY A 279 -12.00 -4.08 5.09
CA GLY A 279 -10.89 -3.71 4.22
C GLY A 279 -11.42 -3.11 2.94
N MET A 280 -10.72 -2.12 2.40
CA MET A 280 -11.17 -1.45 1.19
C MET A 280 -10.04 -1.09 0.24
N MET A 281 -10.38 -0.90 -1.03
CA MET A 281 -9.43 -0.47 -2.05
C MET A 281 -10.15 0.43 -3.02
N CYS A 282 -9.76 1.71 -3.06
CA CYS A 282 -10.31 2.72 -3.96
C CYS A 282 -9.29 2.94 -5.05
N TRP A 283 -9.74 3.09 -6.30
CA TRP A 283 -8.79 3.32 -7.38
C TRP A 283 -9.29 4.26 -8.46
N SER A 284 -8.53 5.33 -8.71
CA SER A 284 -8.80 6.27 -9.78
C SER A 284 -7.47 6.91 -10.16
N PRO A 285 -6.99 6.66 -11.39
CA PRO A 285 -5.67 7.17 -11.79
C PRO A 285 -5.37 8.67 -11.61
N PRO A 286 -6.28 9.68 -11.79
CA PRO A 286 -5.85 11.07 -11.63
C PRO A 286 -5.45 11.42 -10.21
N LEU A 287 -4.18 11.84 -10.04
CA LEU A 287 -3.62 12.20 -8.74
C LEU A 287 -3.57 13.71 -8.53
N ASP A 288 -3.63 14.15 -7.26
CA ASP A 288 -3.54 15.58 -6.92
C ASP A 288 -2.06 16.02 -6.79
N LYS A 289 -1.80 17.26 -6.31
CA LYS A 289 -0.43 17.76 -6.13
C LYS A 289 0.40 16.91 -5.15
N MET A 290 -0.24 16.24 -4.18
CA MET A 290 0.47 15.38 -3.21
C MET A 290 0.78 13.97 -3.75
N GLY A 291 0.16 13.60 -4.87
CA GLY A 291 0.33 12.26 -5.46
C GLY A 291 -0.73 11.28 -5.04
N ASN A 292 -1.86 11.77 -4.49
CA ASN A 292 -2.95 10.91 -4.04
C ASN A 292 -4.14 10.95 -4.97
N SER A 293 -4.89 9.85 -5.06
CA SER A 293 -6.08 9.77 -5.91
C SER A 293 -7.12 10.83 -5.48
N VAL A 294 -7.52 11.72 -6.41
CA VAL A 294 -8.49 12.78 -6.15
C VAL A 294 -9.85 12.20 -5.74
N LYS A 295 -10.37 11.23 -6.49
CA LYS A 295 -11.65 10.60 -6.17
C LYS A 295 -11.58 9.80 -4.87
N GLY A 296 -10.44 9.15 -4.63
CA GLY A 296 -10.21 8.36 -3.42
C GLY A 296 -10.14 9.20 -2.15
N ILE A 297 -9.40 10.33 -2.19
CA ILE A 297 -9.30 11.24 -1.05
C ILE A 297 -10.68 11.82 -0.73
N HIS A 298 -11.45 12.19 -1.77
CA HIS A 298 -12.78 12.72 -1.58
C HIS A 298 -13.68 11.67 -0.92
N PHE A 299 -13.62 10.43 -1.41
CA PHE A 299 -14.40 9.32 -0.88
C PHE A 299 -14.08 9.02 0.58
N CYS A 300 -12.79 9.05 0.94
CA CYS A 300 -12.35 8.78 2.30
C CYS A 300 -12.89 9.79 3.30
N HIS A 301 -12.93 11.08 2.90
CA HIS A 301 -13.47 12.13 3.76
C HIS A 301 -14.97 11.96 3.97
N ASP A 302 -15.69 11.57 2.92
CA ASP A 302 -17.12 11.35 2.99
C ASP A 302 -17.49 10.12 3.81
N LEU A 303 -16.70 9.04 3.71
CA LEU A 303 -16.95 7.78 4.41
C LEU A 303 -16.88 7.94 5.92
N VAL A 304 -15.89 8.68 6.41
CA VAL A 304 -15.71 8.94 7.84
C VAL A 304 -16.77 9.93 8.36
N SER A 305 -17.18 10.89 7.53
CA SER A 305 -18.21 11.85 7.91
C SER A 305 -19.60 11.22 7.99
N LEU A 306 -19.84 10.14 7.24
CA LEU A 306 -21.13 9.49 7.19
C LEU A 306 -21.25 8.34 8.20
N CYS A 307 -20.30 7.39 8.19
CA CYS A 307 -20.37 6.24 9.07
C CYS A 307 -19.66 6.40 10.41
N ASN A 308 -18.96 7.54 10.62
CA ASN A 308 -18.23 7.84 11.86
C ASN A 308 -17.24 6.74 12.22
N PHE A 309 -16.30 6.48 11.29
CA PHE A 309 -15.28 5.45 11.39
C PHE A 309 -13.94 5.94 11.97
N HIS A 310 -13.76 7.26 12.15
CA HIS A 310 -12.53 7.88 12.68
C HIS A 310 -12.04 7.20 13.96
N ASN A 311 -10.71 7.13 14.14
CA ASN A 311 -10.08 6.51 15.32
C ASN A 311 -10.59 7.06 16.64
N TYR A 312 -10.87 8.37 16.68
CA TYR A 312 -11.32 9.02 17.92
C TYR A 312 -12.76 9.52 17.85
N ASP A 313 -13.60 8.89 17.00
CA ASP A 313 -15.01 9.20 16.88
C ASP A 313 -15.71 8.38 17.97
N ASN A 314 -16.51 9.03 18.82
CA ASN A 314 -17.21 8.36 19.93
C ASN A 314 -18.33 7.43 19.44
#